data_1PEK
#
_entry.id   1PEK
#
_cell.length_a   68.280
_cell.length_b   68.280
_cell.length_c   107.870
_cell.angle_alpha   90.00
_cell.angle_beta   90.00
_cell.angle_gamma   90.00
#
_symmetry.space_group_name_H-M   'P 43 21 2'
#
loop_
_entity.id
_entity.type
_entity.pdbx_description
1 polymer 'PROTEINASE K'
2 polymer 'PEPTIDE PRO-ALA-PRO-PHE'
3 polymer D-DAL-ALA-NH2
4 water water
#
loop_
_entity_poly.entity_id
_entity_poly.type
_entity_poly.pdbx_seq_one_letter_code
_entity_poly.pdbx_strand_id
1 'polypeptide(L)'
;AAQTNAPWGLARISSTSPGTSTYYYDESAGQGSCVYVIDTGIEASHPEFEGRAQMVKTYYYSSRDGNGHGTHCAGTVGSR
TYGVVKKTQLFGVKVLDDNGSGQYSTIIAGMDFVASDKNNRNCPKGVVASLSLGGGYSSSVNSAAARLQSSGVMVAVAAG
NNNADARNYSPASEPSVCTVGASDRYDRRSSFSNYGSVLDIFGPGTSILSTWIGGSTRSISGTSMATPHVAGLAAYLMTL
GKTTAASACRYIADTANKGDLSNIPFGTVNLLAYNNYQA
;
E
2 'polypeptide(L)' PAPF C
3 'polypeptide(L)' (DAL)A(NH2) D
#
# COMPACT_ATOMS: atom_id res chain seq x y z
N ALA A 1 -20.51 1.84 6.00
CA ALA A 1 -20.82 2.56 4.73
C ALA A 1 -20.64 1.53 3.65
N ALA A 2 -21.19 1.82 2.47
CA ALA A 2 -21.00 0.77 1.50
C ALA A 2 -20.86 1.36 0.13
N GLN A 3 -20.01 0.77 -0.60
CA GLN A 3 -19.80 1.24 -1.93
C GLN A 3 -20.17 0.03 -2.78
N THR A 4 -21.25 0.31 -3.45
CA THR A 4 -21.89 -0.58 -4.41
C THR A 4 -21.04 -0.62 -5.62
N ASN A 5 -21.00 -1.76 -6.29
CA ASN A 5 -20.27 -2.13 -7.42
C ASN A 5 -18.84 -1.53 -7.23
N ALA A 6 -18.21 -1.81 -6.15
CA ALA A 6 -16.88 -1.24 -5.91
C ALA A 6 -15.90 -2.01 -6.72
N PRO A 7 -14.67 -1.57 -6.90
CA PRO A 7 -13.72 -2.46 -7.52
C PRO A 7 -13.65 -3.67 -6.54
N TRP A 8 -13.50 -4.84 -7.08
CA TRP A 8 -13.42 -6.18 -6.49
C TRP A 8 -12.59 -6.31 -5.18
N GLY A 9 -11.41 -5.73 -5.13
CA GLY A 9 -10.47 -5.72 -4.02
C GLY A 9 -10.99 -4.91 -2.92
N LEU A 10 -11.75 -3.87 -3.22
CA LEU A 10 -12.30 -3.13 -2.13
C LEU A 10 -13.33 -4.08 -1.49
N ALA A 11 -14.09 -4.73 -2.32
CA ALA A 11 -15.09 -5.68 -1.91
C ALA A 11 -14.42 -6.86 -1.20
N ARG A 12 -13.32 -7.30 -1.66
CA ARG A 12 -12.63 -8.43 -1.08
C ARG A 12 -12.23 -8.23 0.35
N ILE A 13 -11.67 -7.11 0.65
CA ILE A 13 -11.17 -6.64 1.92
C ILE A 13 -12.22 -6.53 2.90
N SER A 14 -13.46 -6.33 2.63
CA SER A 14 -14.49 -6.22 3.55
C SER A 14 -15.41 -7.43 3.48
N SER A 15 -15.08 -8.54 2.96
CA SER A 15 -15.61 -9.83 2.71
C SER A 15 -14.64 -10.95 3.14
N THR A 16 -15.35 -11.95 3.61
CA THR A 16 -14.85 -13.25 4.09
C THR A 16 -14.96 -14.18 2.94
N SER A 17 -15.58 -13.88 1.80
CA SER A 17 -15.72 -14.73 0.66
C SER A 17 -15.49 -13.92 -0.59
N PRO A 18 -14.95 -14.55 -1.56
CA PRO A 18 -14.69 -13.86 -2.82
C PRO A 18 -16.03 -13.77 -3.54
N GLY A 19 -16.04 -12.93 -4.56
CA GLY A 19 -17.28 -12.75 -5.34
C GLY A 19 -18.23 -11.69 -5.00
N THR A 20 -17.95 -10.93 -3.97
CA THR A 20 -18.91 -9.88 -3.62
C THR A 20 -18.61 -8.56 -4.35
N SER A 21 -19.51 -7.61 -4.39
CA SER A 21 -19.25 -6.37 -5.10
C SER A 21 -19.39 -5.11 -4.31
N THR A 22 -19.74 -5.20 -3.09
CA THR A 22 -19.87 -4.04 -2.27
C THR A 22 -18.65 -3.88 -1.36
N TYR A 23 -18.20 -2.68 -1.19
CA TYR A 23 -17.04 -2.52 -0.29
C TYR A 23 -17.70 -2.03 0.93
N TYR A 24 -17.63 -2.49 2.14
CA TYR A 24 -18.33 -2.03 3.30
C TYR A 24 -17.17 -1.57 4.15
N TYR A 25 -17.20 -0.39 4.67
CA TYR A 25 -16.17 0.19 5.51
C TYR A 25 -16.75 1.19 6.41
N ASP A 26 -16.00 1.53 7.43
CA ASP A 26 -16.45 2.52 8.34
C ASP A 26 -16.21 3.90 7.72
N GLU A 27 -17.26 4.66 7.90
CA GLU A 27 -17.27 6.04 7.35
C GLU A 27 -16.12 6.90 7.78
N SER A 28 -15.42 6.69 8.86
CA SER A 28 -14.22 7.48 9.30
C SER A 28 -13.22 7.48 8.16
N ALA A 29 -13.23 6.37 7.48
CA ALA A 29 -12.42 6.11 6.33
C ALA A 29 -11.00 6.61 6.38
N GLY A 30 -10.17 6.46 7.36
CA GLY A 30 -8.83 6.96 7.33
C GLY A 30 -8.75 8.44 7.64
N GLN A 31 -9.85 9.11 7.87
CA GLN A 31 -9.45 10.51 8.18
C GLN A 31 -8.60 10.64 9.49
N GLY A 32 -7.65 11.55 9.40
CA GLY A 32 -6.74 11.85 10.49
C GLY A 32 -5.41 11.26 10.33
N SER A 33 -5.30 10.32 9.49
CA SER A 33 -4.13 9.57 9.16
C SER A 33 -3.57 10.20 7.91
N CYS A 34 -2.30 9.82 7.78
CA CYS A 34 -1.57 10.34 6.68
C CYS A 34 -0.90 9.19 6.00
N VAL A 35 -0.78 9.17 4.71
CA VAL A 35 -0.17 8.08 4.05
C VAL A 35 0.69 8.79 3.07
N TYR A 36 1.95 8.40 3.27
CA TYR A 36 3.00 8.91 2.42
C TYR A 36 3.11 7.88 1.32
N VAL A 37 2.84 8.29 0.11
CA VAL A 37 2.96 7.36 -0.98
C VAL A 37 4.30 7.75 -1.55
N ILE A 38 5.24 6.91 -1.37
CA ILE A 38 6.61 6.98 -1.81
C ILE A 38 6.65 6.21 -3.09
N ASP A 39 6.66 7.05 -4.09
CA ASP A 39 6.63 6.58 -5.43
C ASP A 39 7.02 7.62 -6.46
N THR A 40 6.27 7.65 -7.53
CA THR A 40 6.37 8.49 -8.73
C THR A 40 5.70 9.86 -8.63
N GLY A 41 5.06 9.99 -7.52
CA GLY A 41 4.37 11.24 -7.29
C GLY A 41 2.91 10.93 -7.36
N ILE A 42 2.01 11.82 -7.26
CA ILE A 42 0.60 11.70 -7.33
C ILE A 42 0.03 12.94 -8.07
N GLU A 43 -1.01 12.72 -8.87
CA GLU A 43 -1.65 13.86 -9.59
C GLU A 43 -2.62 14.40 -8.63
N ALA A 44 -2.14 15.22 -7.73
CA ALA A 44 -2.91 15.79 -6.69
C ALA A 44 -4.21 16.45 -7.10
N SER A 45 -4.17 16.99 -8.28
CA SER A 45 -5.37 17.68 -8.82
C SER A 45 -6.41 16.74 -9.37
N HIS A 46 -6.16 15.45 -9.32
CA HIS A 46 -7.17 14.55 -9.85
C HIS A 46 -8.34 14.68 -8.98
N PRO A 47 -9.52 14.86 -9.58
CA PRO A 47 -10.77 15.00 -8.89
C PRO A 47 -11.03 13.97 -7.84
N GLU A 48 -10.53 12.77 -7.96
CA GLU A 48 -10.73 11.64 -7.06
C GLU A 48 -10.02 11.74 -5.71
N PHE A 49 -9.17 12.76 -5.64
CA PHE A 49 -8.44 12.94 -4.38
C PHE A 49 -9.13 14.09 -3.73
N GLU A 50 -10.00 14.75 -4.45
CA GLU A 50 -10.72 15.81 -3.84
C GLU A 50 -9.87 16.74 -2.98
N GLY A 51 -8.70 17.06 -3.42
CA GLY A 51 -7.83 17.97 -2.67
C GLY A 51 -7.18 17.32 -1.48
N ARG A 52 -7.36 16.05 -1.14
CA ARG A 52 -6.67 15.41 -0.01
C ARG A 52 -5.32 14.98 -0.43
N ALA A 53 -4.76 15.29 -1.52
CA ALA A 53 -3.45 14.78 -1.79
C ALA A 53 -2.44 15.88 -2.08
N GLN A 54 -1.20 15.67 -1.74
CA GLN A 54 -0.35 16.79 -2.14
C GLN A 54 1.06 16.30 -2.21
N MET A 55 1.81 16.84 -3.08
CA MET A 55 3.19 16.51 -3.25
C MET A 55 3.92 17.25 -2.12
N VAL A 56 4.90 16.60 -1.48
CA VAL A 56 5.71 17.14 -0.35
C VAL A 56 7.15 17.08 -0.62
N LYS A 57 7.55 16.32 -1.59
CA LYS A 57 9.00 16.35 -1.81
C LYS A 57 9.24 15.68 -3.07
N THR A 58 10.10 16.13 -3.90
CA THR A 58 10.34 15.39 -5.11
C THR A 58 11.86 15.20 -5.14
N TYR A 59 12.26 14.10 -5.70
CA TYR A 59 13.73 14.19 -5.75
C TYR A 59 14.08 14.52 -7.14
N TYR A 60 13.23 14.80 -8.08
CA TYR A 60 13.35 15.11 -9.45
C TYR A 60 13.12 16.58 -9.72
N TYR A 61 13.09 17.02 -10.92
CA TYR A 61 12.88 18.36 -11.46
C TYR A 61 11.48 18.86 -11.23
N SER A 62 10.49 18.02 -11.22
CA SER A 62 9.11 18.40 -11.04
C SER A 62 8.51 17.56 -9.98
N SER A 63 7.44 17.97 -9.46
CA SER A 63 6.84 17.17 -8.42
C SER A 63 5.77 16.26 -9.01
N ARG A 64 5.52 16.53 -10.22
CA ARG A 64 4.52 15.81 -10.99
C ARG A 64 4.74 14.35 -11.25
N ASP A 65 3.68 13.60 -11.30
CA ASP A 65 3.51 12.19 -11.55
C ASP A 65 3.35 12.06 -13.05
N GLY A 66 4.48 11.82 -13.63
CA GLY A 66 4.30 11.73 -15.07
C GLY A 66 4.20 10.23 -15.37
N ASN A 67 4.11 9.37 -14.39
CA ASN A 67 3.99 7.93 -14.61
C ASN A 67 2.56 7.38 -14.50
N GLY A 68 1.93 7.50 -13.41
CA GLY A 68 0.65 7.09 -12.99
C GLY A 68 0.78 6.01 -11.92
N HIS A 69 1.87 5.32 -11.89
CA HIS A 69 1.92 4.25 -10.93
C HIS A 69 1.56 4.85 -9.63
N GLY A 70 2.15 5.93 -9.20
CA GLY A 70 1.96 6.63 -8.00
C GLY A 70 0.56 7.11 -7.75
N THR A 71 -0.04 7.64 -8.78
CA THR A 71 -1.37 8.12 -8.67
C THR A 71 -2.24 6.91 -8.45
N HIS A 72 -1.96 5.83 -9.15
CA HIS A 72 -2.67 4.55 -9.09
C HIS A 72 -2.69 4.01 -7.68
N CYS A 73 -1.59 3.99 -6.99
CA CYS A 73 -1.24 3.57 -5.65
C CYS A 73 -1.93 4.53 -4.76
N ALA A 74 -1.76 5.79 -4.92
CA ALA A 74 -2.41 6.72 -4.06
C ALA A 74 -3.87 6.47 -4.15
N GLY A 75 -4.39 6.16 -5.33
CA GLY A 75 -5.83 5.95 -5.47
C GLY A 75 -6.25 4.69 -4.70
N THR A 76 -5.64 3.53 -4.68
CA THR A 76 -6.19 2.41 -3.95
C THR A 76 -6.10 2.68 -2.48
N VAL A 77 -5.17 3.52 -2.02
CA VAL A 77 -4.94 3.94 -0.70
C VAL A 77 -6.09 4.90 -0.36
N GLY A 78 -6.40 5.94 -1.13
CA GLY A 78 -7.40 6.79 -0.74
C GLY A 78 -8.09 7.73 -1.67
N SER A 79 -8.34 7.28 -2.88
CA SER A 79 -9.11 8.20 -3.76
C SER A 79 -10.56 7.97 -3.34
N ARG A 80 -11.46 8.79 -3.81
CA ARG A 80 -12.83 8.47 -3.43
C ARG A 80 -13.46 7.19 -3.97
N THR A 81 -13.24 6.91 -5.22
CA THR A 81 -13.87 5.73 -5.76
C THR A 81 -13.18 4.41 -5.60
N TYR A 82 -11.92 4.54 -5.76
CA TYR A 82 -11.05 3.37 -5.71
C TYR A 82 -10.23 3.10 -4.50
N GLY A 83 -10.32 3.80 -3.45
CA GLY A 83 -9.50 3.68 -2.26
C GLY A 83 -10.13 3.08 -1.09
N VAL A 84 -9.27 2.49 -0.32
CA VAL A 84 -9.53 1.77 0.90
C VAL A 84 -9.93 2.75 1.96
N VAL A 85 -9.25 3.87 2.02
CA VAL A 85 -9.44 4.93 2.99
C VAL A 85 -9.71 6.26 2.33
N LYS A 86 -11.01 6.42 2.09
CA LYS A 86 -11.49 7.60 1.38
C LYS A 86 -11.26 8.97 1.92
N LYS A 87 -10.75 9.03 3.12
CA LYS A 87 -10.56 10.37 3.69
C LYS A 87 -9.19 10.69 4.25
N THR A 88 -8.35 9.75 3.92
CA THR A 88 -6.98 9.92 4.34
C THR A 88 -6.35 11.10 3.59
N GLN A 89 -5.27 11.60 4.14
CA GLN A 89 -4.39 12.64 3.70
C GLN A 89 -3.31 11.94 2.93
N LEU A 90 -3.03 12.23 1.68
CA LEU A 90 -2.02 11.62 0.92
C LEU A 90 -0.79 12.54 0.72
N PHE A 91 0.44 12.06 0.90
CA PHE A 91 1.55 12.99 0.69
C PHE A 91 2.40 12.31 -0.30
N GLY A 92 2.83 13.04 -1.26
CA GLY A 92 3.57 12.39 -2.26
C GLY A 92 5.02 12.74 -2.14
N VAL A 93 5.72 11.63 -2.20
CA VAL A 93 7.17 11.68 -2.14
C VAL A 93 7.61 11.07 -3.44
N LYS A 94 8.11 11.86 -4.36
CA LYS A 94 8.53 11.33 -5.60
C LYS A 94 9.97 10.88 -5.47
N VAL A 95 10.13 9.61 -5.25
CA VAL A 95 11.50 9.07 -5.12
C VAL A 95 11.66 8.35 -6.44
N LEU A 96 10.55 8.25 -7.17
CA LEU A 96 10.67 7.57 -8.42
C LEU A 96 10.47 8.55 -9.56
N ASP A 97 11.15 8.27 -10.59
CA ASP A 97 11.04 9.12 -11.78
C ASP A 97 9.80 8.67 -12.59
N ASP A 98 9.44 9.48 -13.58
CA ASP A 98 8.32 9.25 -14.48
C ASP A 98 8.43 7.94 -15.18
N ASN A 99 9.45 7.15 -15.04
CA ASN A 99 9.52 5.85 -15.68
C ASN A 99 9.33 4.66 -14.77
N GLY A 100 9.26 4.98 -13.54
CA GLY A 100 9.07 4.23 -12.33
C GLY A 100 10.36 3.84 -11.73
N SER A 101 11.49 4.32 -12.13
CA SER A 101 12.70 3.82 -11.45
C SER A 101 13.34 4.87 -10.57
N GLY A 102 14.40 4.41 -9.94
CA GLY A 102 15.16 5.34 -9.07
C GLY A 102 16.27 4.60 -8.35
N GLN A 103 17.08 5.35 -7.62
CA GLN A 103 18.24 4.80 -6.88
C GLN A 103 17.94 4.51 -5.45
N TYR A 104 18.59 3.55 -4.85
CA TYR A 104 18.40 3.17 -3.50
C TYR A 104 18.66 4.32 -2.57
N SER A 105 19.66 5.14 -2.83
CA SER A 105 20.01 6.31 -2.03
C SER A 105 18.91 7.34 -2.02
N THR A 106 18.19 7.49 -3.14
CA THR A 106 17.08 8.43 -3.26
C THR A 106 15.92 7.78 -2.62
N ILE A 107 15.58 6.51 -2.71
CA ILE A 107 14.53 5.83 -2.08
C ILE A 107 14.88 5.88 -0.59
N ILE A 108 16.07 5.64 -0.06
CA ILE A 108 16.52 5.66 1.27
C ILE A 108 16.39 7.08 1.66
N ALA A 109 16.78 8.08 0.99
CA ALA A 109 16.58 9.44 1.39
C ALA A 109 15.13 9.86 1.54
N GLY A 110 14.21 9.36 0.75
CA GLY A 110 12.78 9.63 0.73
C GLY A 110 12.21 9.11 2.05
N MET A 111 12.65 7.92 2.46
CA MET A 111 12.30 7.22 3.66
C MET A 111 12.77 8.03 4.85
N ASP A 112 13.99 8.51 4.97
CA ASP A 112 14.53 9.30 6.06
C ASP A 112 13.75 10.59 6.01
N PHE A 113 13.48 11.07 4.84
CA PHE A 113 12.72 12.31 4.60
C PHE A 113 11.43 12.19 5.36
N VAL A 114 10.57 11.24 5.06
CA VAL A 114 9.32 10.95 5.70
C VAL A 114 9.49 10.76 7.20
N ALA A 115 10.42 9.99 7.73
CA ALA A 115 10.65 9.79 9.11
C ALA A 115 10.81 11.22 9.63
N SER A 116 11.50 12.18 9.06
CA SER A 116 11.61 13.55 9.60
C SER A 116 10.43 14.47 9.37
N ASP A 117 9.87 14.54 8.16
CA ASP A 117 8.72 15.32 7.69
C ASP A 117 7.47 15.03 8.46
N LYS A 118 7.18 13.82 8.91
CA LYS A 118 6.00 13.51 9.62
C LYS A 118 5.98 14.36 10.86
N ASN A 119 7.16 14.76 11.33
CA ASN A 119 7.21 15.56 12.53
C ASN A 119 6.66 16.94 12.13
N ASN A 120 6.42 17.37 10.92
CA ASN A 120 5.89 18.75 10.83
C ASN A 120 4.54 18.88 10.12
N ARG A 121 3.83 17.74 10.06
CA ARG A 121 2.54 17.43 9.49
C ARG A 121 1.68 17.08 10.64
N ASN A 122 0.42 17.28 10.45
CA ASN A 122 -0.62 16.97 11.42
C ASN A 122 -1.37 15.72 10.92
N CYS A 123 -1.03 14.60 11.53
CA CYS A 123 -1.53 13.23 11.29
C CYS A 123 -1.90 12.71 12.64
N PRO A 124 -3.01 13.18 13.15
CA PRO A 124 -3.37 12.74 14.46
C PRO A 124 -3.50 11.24 14.53
N LYS A 125 -4.05 10.48 13.63
CA LYS A 125 -4.12 9.04 13.81
C LYS A 125 -2.98 8.24 13.30
N GLY A 126 -1.81 8.72 13.00
CA GLY A 126 -0.83 7.77 12.48
C GLY A 126 -0.45 8.05 11.06
N VAL A 127 0.73 7.53 10.87
CA VAL A 127 1.38 7.72 9.62
C VAL A 127 1.78 6.39 9.05
N VAL A 128 1.41 6.29 7.80
CA VAL A 128 1.68 5.10 7.04
C VAL A 128 2.57 5.47 5.92
N ALA A 129 3.40 4.60 5.51
CA ALA A 129 4.18 4.88 4.38
C ALA A 129 3.94 3.68 3.47
N SER A 130 3.62 3.94 2.23
CA SER A 130 3.32 2.84 1.28
C SER A 130 4.37 2.93 0.23
N LEU A 131 5.05 1.81 0.16
CA LEU A 131 6.14 1.58 -0.73
C LEU A 131 5.93 0.37 -1.59
N SER A 132 5.40 0.62 -2.76
CA SER A 132 5.07 -0.22 -3.91
C SER A 132 6.28 -0.15 -4.75
N LEU A 133 7.39 -0.62 -4.23
CA LEU A 133 8.62 -0.59 -4.96
C LEU A 133 9.58 -1.56 -4.26
N GLY A 134 10.65 -1.78 -4.94
CA GLY A 134 11.61 -2.71 -4.34
C GLY A 134 12.64 -3.01 -5.33
N GLY A 135 13.52 -3.87 -4.93
CA GLY A 135 14.58 -4.26 -5.80
C GLY A 135 15.22 -5.36 -4.95
N GLY A 136 16.34 -5.75 -5.45
CA GLY A 136 17.23 -6.79 -4.92
C GLY A 136 17.60 -6.33 -3.54
N TYR A 137 17.98 -7.33 -2.79
CA TYR A 137 18.42 -7.32 -1.44
C TYR A 137 19.45 -6.22 -1.19
N SER A 138 19.13 -5.41 -0.19
CA SER A 138 20.01 -4.29 0.23
C SER A 138 19.86 -4.09 1.68
N SER A 139 21.00 -4.18 2.37
CA SER A 139 20.90 -4.05 3.80
C SER A 139 20.68 -2.62 4.17
N SER A 140 21.00 -1.69 3.32
CA SER A 140 20.84 -0.26 3.57
C SER A 140 19.39 0.14 3.31
N VAL A 141 18.79 -0.57 2.38
CA VAL A 141 17.40 -0.26 2.04
C VAL A 141 16.65 -0.83 3.15
N ASN A 142 16.88 -2.05 3.51
CA ASN A 142 16.20 -2.72 4.58
C ASN A 142 16.20 -1.90 5.81
N SER A 143 17.38 -1.41 6.04
CA SER A 143 17.75 -0.60 7.15
C SER A 143 16.96 0.66 7.18
N ALA A 144 16.90 1.30 6.06
CA ALA A 144 16.12 2.55 6.01
C ALA A 144 14.67 2.26 6.29
N ALA A 145 14.19 1.13 5.81
CA ALA A 145 12.81 0.81 6.03
C ALA A 145 12.63 0.55 7.47
N ALA A 146 13.60 0.01 8.14
CA ALA A 146 13.50 -0.37 9.55
C ALA A 146 13.60 0.90 10.35
N ARG A 147 14.40 1.90 10.02
CA ARG A 147 14.47 3.16 10.73
C ARG A 147 13.12 3.84 10.57
N LEU A 148 12.54 3.91 9.37
CA LEU A 148 11.28 4.55 9.05
C LEU A 148 10.28 3.90 9.96
N GLN A 149 10.22 2.59 10.03
CA GLN A 149 9.33 1.79 10.79
C GLN A 149 9.53 2.15 12.24
N SER A 150 10.79 2.17 12.68
CA SER A 150 11.09 2.50 14.07
C SER A 150 10.82 3.96 14.38
N SER A 151 10.84 4.91 13.51
CA SER A 151 10.56 6.31 13.78
C SER A 151 9.08 6.41 14.09
N GLY A 152 8.25 5.40 13.92
CA GLY A 152 6.85 5.31 14.17
C GLY A 152 5.96 5.50 12.93
N VAL A 153 6.24 4.92 11.82
CA VAL A 153 5.47 5.07 10.60
C VAL A 153 5.11 3.64 10.26
N MET A 154 3.93 3.23 9.87
CA MET A 154 3.73 1.84 9.53
C MET A 154 4.26 1.69 8.15
N VAL A 155 5.26 0.91 7.92
CA VAL A 155 5.81 0.69 6.64
C VAL A 155 5.16 -0.51 5.96
N ALA A 156 4.49 -0.30 4.81
CA ALA A 156 3.84 -1.35 4.04
C ALA A 156 4.70 -1.45 2.82
N VAL A 157 5.12 -2.59 2.39
CA VAL A 157 5.97 -2.72 1.29
C VAL A 157 5.63 -3.88 0.38
N ALA A 158 5.79 -3.65 -0.90
CA ALA A 158 5.46 -4.72 -1.84
C ALA A 158 6.38 -5.90 -1.68
N ALA A 159 5.84 -7.11 -1.74
CA ALA A 159 6.62 -8.37 -1.68
C ALA A 159 7.44 -8.53 -2.89
N GLY A 160 6.91 -8.06 -4.01
CA GLY A 160 7.49 -8.11 -5.29
C GLY A 160 6.75 -9.06 -6.24
N ASN A 161 7.00 -8.88 -7.49
CA ASN A 161 6.31 -9.67 -8.51
C ASN A 161 7.05 -10.67 -9.26
N ASN A 162 8.03 -11.34 -8.71
CA ASN A 162 8.83 -12.34 -9.33
C ASN A 162 8.33 -13.77 -9.06
N ASN A 163 7.25 -14.05 -8.36
CA ASN A 163 6.79 -15.43 -8.08
C ASN A 163 7.99 -16.13 -7.37
N ALA A 164 8.68 -15.38 -6.47
CA ALA A 164 9.84 -15.89 -5.74
C ALA A 164 9.77 -15.57 -4.29
N ASP A 165 10.74 -16.04 -3.52
CA ASP A 165 10.84 -15.84 -2.13
C ASP A 165 11.17 -14.36 -1.97
N ALA A 166 10.40 -13.57 -1.30
CA ALA A 166 10.64 -12.15 -1.09
C ALA A 166 11.91 -11.82 -0.33
N ARG A 167 12.54 -12.89 0.23
CA ARG A 167 13.78 -12.82 1.01
C ARG A 167 14.93 -12.21 0.28
N ASN A 168 14.79 -12.23 -1.00
CA ASN A 168 15.79 -11.70 -1.92
C ASN A 168 15.69 -10.31 -1.86
N TYR A 169 15.07 -9.16 -1.99
CA TYR A 169 13.93 -8.45 -2.32
C TYR A 169 14.00 -7.32 -1.34
N SER A 170 14.35 -6.11 -1.33
CA SER A 170 14.40 -4.95 -0.57
C SER A 170 13.57 -3.67 -0.94
N PRO A 171 12.93 -3.65 0.19
CA PRO A 171 12.66 -3.45 1.56
C PRO A 171 11.81 -4.69 1.92
N ALA A 172 11.25 -5.41 0.96
CA ALA A 172 10.41 -6.59 1.16
C ALA A 172 10.89 -7.56 2.20
N SER A 173 12.17 -7.66 2.34
CA SER A 173 12.78 -8.63 3.27
C SER A 173 13.19 -8.07 4.60
N GLU A 174 12.90 -6.82 4.83
CA GLU A 174 13.22 -6.23 6.09
C GLU A 174 12.09 -6.80 6.86
N PRO A 175 12.46 -7.69 7.77
CA PRO A 175 11.48 -8.29 8.62
C PRO A 175 10.92 -7.17 9.40
N SER A 176 11.27 -6.10 10.00
CA SER A 176 10.39 -5.26 10.73
C SER A 176 9.24 -4.54 9.99
N VAL A 177 9.14 -4.40 8.69
CA VAL A 177 8.06 -3.69 7.96
C VAL A 177 6.94 -4.63 7.57
N CYS A 178 5.91 -4.26 6.81
CA CYS A 178 4.84 -5.25 6.44
C CYS A 178 4.93 -5.63 5.00
N THR A 179 5.33 -6.77 4.61
CA THR A 179 5.51 -7.36 3.36
C THR A 179 4.17 -7.94 2.91
N VAL A 180 3.69 -7.27 1.88
CA VAL A 180 2.42 -7.52 1.20
C VAL A 180 2.44 -8.34 -0.07
N GLY A 181 1.85 -9.58 -0.01
CA GLY A 181 1.78 -10.39 -1.24
C GLY A 181 0.52 -10.02 -2.00
N ALA A 182 0.25 -10.51 -3.18
CA ALA A 182 -0.94 -10.12 -3.94
C ALA A 182 -1.87 -11.32 -4.14
N SER A 183 -3.16 -11.12 -4.23
CA SER A 183 -4.16 -12.15 -4.50
C SER A 183 -5.05 -11.67 -5.65
N ASP A 184 -5.72 -12.56 -6.30
CA ASP A 184 -6.67 -12.43 -7.39
C ASP A 184 -8.08 -12.62 -6.96
N ARG A 185 -9.11 -12.30 -7.70
CA ARG A 185 -10.51 -12.30 -7.54
C ARG A 185 -11.08 -13.64 -7.10
N TYR A 186 -10.33 -14.67 -7.44
CA TYR A 186 -10.76 -16.02 -7.08
C TYR A 186 -10.08 -16.59 -5.84
N ASP A 187 -9.37 -15.75 -5.13
CA ASP A 187 -8.67 -16.21 -3.92
C ASP A 187 -7.44 -16.96 -4.28
N ARG A 188 -6.89 -16.76 -5.41
CA ARG A 188 -5.70 -17.52 -5.59
C ARG A 188 -4.50 -16.62 -5.39
N ARG A 189 -3.36 -17.16 -4.99
CA ARG A 189 -2.22 -16.24 -4.89
C ARG A 189 -2.08 -15.75 -6.33
N SER A 190 -1.78 -14.49 -6.54
CA SER A 190 -1.55 -13.76 -7.77
C SER A 190 -0.39 -14.49 -8.34
N SER A 191 -0.56 -14.83 -9.57
CA SER A 191 0.44 -15.60 -10.23
C SER A 191 1.81 -15.01 -10.11
N PHE A 192 1.93 -13.72 -10.09
CA PHE A 192 3.20 -13.03 -9.95
C PHE A 192 3.66 -12.72 -8.55
N SER A 193 2.85 -12.99 -7.59
CA SER A 193 3.27 -12.62 -6.25
C SER A 193 4.41 -13.43 -5.64
N ASN A 194 5.25 -12.60 -4.96
CA ASN A 194 6.40 -13.18 -4.24
C ASN A 194 5.74 -13.86 -3.06
N TYR A 195 6.43 -14.80 -2.42
CA TYR A 195 5.88 -15.49 -1.30
C TYR A 195 7.06 -15.70 -0.38
N GLY A 196 6.95 -16.59 0.57
CA GLY A 196 7.98 -16.88 1.51
C GLY A 196 7.59 -16.46 2.86
N SER A 197 8.48 -16.86 3.75
CA SER A 197 8.32 -16.61 5.14
C SER A 197 8.39 -15.15 5.55
N VAL A 198 8.94 -14.20 4.90
CA VAL A 198 8.97 -12.82 5.35
C VAL A 198 7.63 -12.27 4.95
N LEU A 199 6.74 -12.86 4.17
CA LEU A 199 5.51 -12.12 3.90
C LEU A 199 4.70 -12.05 5.13
N ASP A 200 4.00 -10.94 5.30
CA ASP A 200 3.16 -10.82 6.41
C ASP A 200 1.66 -11.01 6.15
N ILE A 201 1.27 -10.67 4.97
CA ILE A 201 -0.12 -10.70 4.52
C ILE A 201 -0.21 -10.52 3.03
N PHE A 202 -1.47 -10.82 2.56
CA PHE A 202 -1.78 -10.72 1.15
C PHE A 202 -2.84 -9.72 0.80
N GLY A 203 -2.92 -8.90 -0.22
CA GLY A 203 -4.10 -8.06 -0.43
C GLY A 203 -4.37 -8.26 -1.88
N PRO A 204 -5.54 -7.85 -2.38
CA PRO A 204 -5.87 -7.88 -3.77
C PRO A 204 -4.89 -7.08 -4.58
N GLY A 205 -4.40 -7.72 -5.55
CA GLY A 205 -3.41 -7.11 -6.41
C GLY A 205 -3.73 -7.43 -7.84
N THR A 206 -4.62 -8.31 -8.21
CA THR A 206 -4.90 -8.58 -9.62
C THR A 206 -6.03 -7.71 -10.19
N SER A 207 -5.73 -7.00 -11.24
CA SER A 207 -6.60 -6.06 -11.93
C SER A 207 -7.50 -5.30 -11.05
N ILE A 208 -6.80 -4.37 -10.43
CA ILE A 208 -7.21 -3.38 -9.53
C ILE A 208 -7.51 -2.06 -10.29
N LEU A 209 -8.68 -1.56 -10.22
CA LEU A 209 -9.21 -0.32 -10.78
C LEU A 209 -8.72 0.90 -9.97
N SER A 210 -8.04 1.92 -10.46
CA SER A 210 -7.66 2.99 -9.56
C SER A 210 -7.55 4.25 -10.41
N THR A 211 -7.08 5.33 -9.84
CA THR A 211 -6.90 6.57 -10.53
C THR A 211 -5.71 6.49 -11.36
N TRP A 212 -5.67 7.26 -12.44
CA TRP A 212 -4.62 7.37 -13.35
C TRP A 212 -4.43 8.89 -13.61
N ILE A 213 -3.29 9.23 -14.15
CA ILE A 213 -2.89 10.56 -14.57
C ILE A 213 -3.82 11.06 -15.72
N GLY A 214 -3.91 12.39 -15.78
CA GLY A 214 -4.86 12.82 -16.85
C GLY A 214 -6.23 12.84 -16.28
N GLY A 215 -6.39 12.65 -15.04
CA GLY A 215 -7.73 12.68 -14.51
C GLY A 215 -8.35 11.40 -14.97
N SER A 216 -7.82 10.25 -15.22
CA SER A 216 -8.56 9.06 -15.71
C SER A 216 -8.47 7.93 -14.69
N THR A 217 -8.72 6.69 -15.07
CA THR A 217 -8.67 5.47 -14.30
C THR A 217 -8.16 4.34 -15.11
N ARG A 218 -7.62 3.32 -14.46
CA ARG A 218 -7.11 2.20 -15.27
C ARG A 218 -6.96 1.00 -14.37
N SER A 219 -7.13 -0.23 -14.76
CA SER A 219 -6.93 -1.37 -13.88
C SER A 219 -5.55 -1.92 -14.10
N ILE A 220 -4.83 -2.21 -13.03
CA ILE A 220 -3.54 -2.76 -13.36
C ILE A 220 -3.32 -3.83 -12.28
N SER A 221 -2.32 -4.60 -12.31
CA SER A 221 -1.99 -5.66 -11.39
C SER A 221 -0.64 -5.70 -10.72
N GLY A 222 -0.54 -6.17 -9.49
CA GLY A 222 0.83 -6.18 -8.95
C GLY A 222 0.77 -6.18 -7.47
N THR A 223 1.86 -6.46 -6.79
CA THR A 223 2.01 -6.46 -5.37
C THR A 223 2.06 -4.95 -5.08
N SER A 224 2.25 -4.10 -6.02
CA SER A 224 2.27 -2.65 -5.90
C SER A 224 0.85 -2.23 -5.65
N MET A 225 -0.11 -2.94 -6.14
CA MET A 225 -1.55 -2.75 -6.04
C MET A 225 -2.08 -3.29 -4.73
N ALA A 226 -1.56 -4.39 -4.16
CA ALA A 226 -1.94 -5.03 -2.91
C ALA A 226 -1.39 -4.20 -1.81
N THR A 227 -0.14 -3.70 -1.88
CA THR A 227 0.50 -2.88 -0.86
C THR A 227 -0.42 -1.79 -0.42
N PRO A 228 -0.85 -0.86 -1.24
CA PRO A 228 -1.73 0.21 -0.85
C PRO A 228 -3.07 -0.19 -0.33
N HIS A 229 -3.55 -1.39 -0.59
CA HIS A 229 -4.80 -1.83 -0.07
C HIS A 229 -4.54 -2.00 1.42
N VAL A 230 -3.40 -2.56 1.80
CA VAL A 230 -2.99 -2.81 3.16
C VAL A 230 -2.50 -1.50 3.77
N ALA A 231 -1.78 -0.63 3.11
CA ALA A 231 -1.34 0.70 3.68
C ALA A 231 -2.62 1.45 3.97
N GLY A 232 -3.63 1.42 3.11
CA GLY A 232 -4.97 1.98 3.10
C GLY A 232 -5.69 1.32 4.28
N LEU A 233 -5.62 -0.02 4.45
CA LEU A 233 -6.25 -0.72 5.54
C LEU A 233 -5.57 -0.35 6.85
N ALA A 234 -4.24 -0.24 6.89
CA ALA A 234 -3.48 0.17 8.07
C ALA A 234 -3.99 1.57 8.42
N ALA A 235 -3.94 2.55 7.54
CA ALA A 235 -4.45 3.88 7.80
C ALA A 235 -5.88 3.79 8.26
N TYR A 236 -6.82 3.05 7.66
CA TYR A 236 -8.15 2.97 8.11
C TYR A 236 -8.29 2.49 9.56
N LEU A 237 -7.57 1.44 9.99
CA LEU A 237 -7.47 0.76 11.22
C LEU A 237 -6.82 1.65 12.26
N MET A 238 -5.82 2.37 11.99
CA MET A 238 -5.14 3.35 12.82
C MET A 238 -6.12 4.47 13.08
N THR A 239 -6.91 4.99 12.19
CA THR A 239 -7.81 6.08 12.40
C THR A 239 -8.92 5.54 13.22
N LEU A 240 -9.12 4.25 13.17
CA LEU A 240 -10.14 3.56 13.94
C LEU A 240 -9.61 3.28 15.35
N GLY A 241 -8.33 3.36 15.60
CA GLY A 241 -7.73 3.07 16.90
C GLY A 241 -7.56 1.58 17.19
N LYS A 242 -7.62 0.76 16.18
CA LYS A 242 -7.48 -0.68 16.41
C LYS A 242 -6.03 -1.14 16.63
N THR A 243 -5.10 -0.40 16.09
CA THR A 243 -3.69 -0.60 16.05
C THR A 243 -2.93 0.71 15.87
N THR A 244 -1.68 0.51 15.92
CA THR A 244 -0.63 1.55 15.84
C THR A 244 0.27 1.20 14.76
N ALA A 245 1.08 2.17 14.47
CA ALA A 245 2.02 2.05 13.38
C ALA A 245 2.85 0.84 13.57
N ALA A 246 3.39 0.79 14.79
CA ALA A 246 4.28 -0.27 15.25
C ALA A 246 3.67 -1.67 15.27
N SER A 247 2.38 -1.86 15.44
CA SER A 247 1.85 -3.21 15.49
C SER A 247 0.75 -3.34 14.44
N ALA A 248 0.64 -2.41 13.50
CA ALA A 248 -0.44 -2.51 12.48
C ALA A 248 -0.16 -3.72 11.64
N CYS A 249 1.03 -4.02 11.23
CA CYS A 249 1.17 -5.21 10.41
C CYS A 249 0.68 -6.46 11.13
N ARG A 250 1.09 -6.78 12.32
CA ARG A 250 0.78 -7.86 13.20
C ARG A 250 -0.72 -7.93 13.39
N TYR A 251 -1.36 -6.82 13.55
CA TYR A 251 -2.79 -6.76 13.71
C TYR A 251 -3.46 -7.10 12.38
N ILE A 252 -2.94 -6.65 11.26
CA ILE A 252 -3.64 -7.06 10.04
C ILE A 252 -3.53 -8.58 9.87
N ALA A 253 -2.43 -9.20 10.15
CA ALA A 253 -2.21 -10.62 10.05
C ALA A 253 -3.07 -11.41 11.02
N ASP A 254 -3.24 -10.96 12.19
CA ASP A 254 -4.00 -11.60 13.18
C ASP A 254 -5.47 -11.44 12.74
N THR A 255 -5.96 -10.43 12.04
CA THR A 255 -7.37 -10.38 11.70
C THR A 255 -7.86 -10.67 10.31
N ALA A 256 -6.96 -11.25 9.61
CA ALA A 256 -7.07 -11.62 8.25
C ALA A 256 -7.99 -12.80 7.97
N ASN A 257 -8.28 -12.96 6.71
CA ASN A 257 -9.09 -14.14 6.34
C ASN A 257 -7.97 -15.17 6.31
N LYS A 258 -8.04 -16.28 7.00
CA LYS A 258 -7.07 -17.32 7.03
C LYS A 258 -7.50 -18.59 6.30
N GLY A 259 -6.53 -19.08 5.63
CA GLY A 259 -6.67 -20.34 4.88
C GLY A 259 -7.47 -20.31 3.61
N ASP A 260 -7.92 -19.15 3.20
CA ASP A 260 -8.71 -18.85 2.03
C ASP A 260 -8.00 -18.78 0.75
N LEU A 261 -6.74 -18.42 0.68
CA LEU A 261 -6.04 -18.32 -0.53
C LEU A 261 -5.65 -19.70 -0.97
N SER A 262 -5.53 -19.83 -2.23
CA SER A 262 -5.07 -21.09 -2.76
C SER A 262 -3.79 -20.70 -3.43
N ASN A 263 -2.99 -21.68 -3.65
CA ASN A 263 -1.71 -21.55 -4.29
C ASN A 263 -0.67 -20.90 -3.35
N ILE A 264 -0.77 -21.11 -2.09
CA ILE A 264 0.09 -20.63 -1.06
C ILE A 264 1.05 -21.77 -0.72
N PRO A 265 2.30 -21.49 -0.92
CA PRO A 265 3.37 -22.42 -0.68
C PRO A 265 3.57 -22.65 0.79
N PHE A 266 3.99 -23.85 1.17
CA PHE A 266 4.28 -24.25 2.55
C PHE A 266 5.37 -23.28 3.03
N GLY A 267 5.19 -22.65 4.15
CA GLY A 267 6.16 -21.68 4.67
C GLY A 267 5.57 -20.28 4.55
N THR A 268 4.68 -20.03 3.63
CA THR A 268 4.07 -18.73 3.42
C THR A 268 2.76 -18.72 4.12
N VAL A 269 2.58 -17.56 4.73
CA VAL A 269 1.33 -17.36 5.37
C VAL A 269 0.12 -17.33 4.37
N ASN A 270 -0.99 -17.82 4.81
CA ASN A 270 -2.25 -17.88 4.10
C ASN A 270 -3.08 -16.87 4.78
N LEU A 271 -2.85 -15.60 4.67
CA LEU A 271 -3.57 -14.56 5.28
C LEU A 271 -3.93 -13.47 4.30
N LEU A 272 -5.20 -13.09 4.27
CA LEU A 272 -5.78 -12.05 3.38
C LEU A 272 -6.22 -10.82 4.07
N ALA A 273 -5.76 -9.59 3.85
CA ALA A 273 -6.23 -8.44 4.57
C ALA A 273 -7.73 -8.42 4.55
N TYR A 274 -8.18 -8.09 5.71
CA TYR A 274 -9.65 -8.06 5.97
C TYR A 274 -9.90 -6.96 6.94
N ASN A 275 -10.90 -6.17 6.66
CA ASN A 275 -11.13 -5.04 7.52
C ASN A 275 -12.02 -5.46 8.62
N ASN A 276 -12.65 -6.59 8.47
CA ASN A 276 -13.51 -7.05 9.56
C ASN A 276 -14.66 -6.08 9.71
N TYR A 277 -15.22 -5.56 8.64
CA TYR A 277 -16.26 -4.60 8.92
C TYR A 277 -17.55 -5.31 9.22
N GLN A 278 -18.18 -4.76 10.15
CA GLN A 278 -19.45 -5.16 10.68
C GLN A 278 -20.38 -3.97 10.79
N ALA A 279 -21.39 -3.85 9.98
CA ALA A 279 -22.43 -2.86 9.79
C ALA A 279 -23.17 -2.42 10.99
N PRO B 1 16.61 -3.17 -8.27
CA PRO B 1 15.57 -2.71 -9.29
C PRO B 1 14.45 -1.73 -9.01
N ALA B 2 13.10 -1.48 -9.23
CA ALA B 2 12.13 -0.46 -8.81
C ALA B 2 10.62 -0.36 -8.71
N PRO B 3 9.42 0.19 -9.00
CA PRO B 3 8.03 -0.12 -8.61
C PRO B 3 7.30 -1.34 -9.26
N PHE B 4 6.82 -2.29 -8.51
CA PHE B 4 6.37 -3.21 -7.54
C PHE B 4 5.06 -3.45 -6.86
N ALA C 2 2.40 -2.62 -11.55
CA ALA C 2 1.36 -2.06 -13.16
C ALA C 2 3.04 -1.07 -13.18
#